data_4G8K
#
_entry.id   4G8K
#
_cell.length_a   62.800
_cell.length_b   63.000
_cell.length_c   241.500
_cell.angle_alpha   90.00
_cell.angle_beta   90.00
_cell.angle_gamma   90.00
#
_symmetry.space_group_name_H-M   'P 21 21 21'
#
loop_
_entity.id
_entity.type
_entity.pdbx_description
1 polymer '2-5A-dependent ribonuclease'
2 water water
#
_entity_poly.entity_id   1
_entity_poly.type   'polypeptide(L)'
_entity_poly.pdbx_seq_one_letter_code
;MESRDHNNPQEGPTSSSGRRAAVEDNHLLIKAVQNEDVDLVQQLLEGGANVNFQEEEGGWTPLHNAVQMSREDIVELLLR
HGADPVLRKKNGATPFILAAIAGSVKLLKLFLSKGADVNECDFYGFTAFMEAAVYGKVKALKFLYKRGANVNLRRKTKED
QERLRKGGATALMDAAEKGHVEVLKILLDEMGADVNACDNMGRNALIHALLSSDDSDVEAITHLLLDHGADVNVRGERGK
TPLILAVEKKHLGLVQRLLEQEHIEINDTDSDGKTALLLAVELKLKKIAELLCKRGASTDCGDLVMTARRNYDHSLVKVL
LSHGAKEDFHPPAEDWK
;
_entity_poly.pdbx_strand_id   A,B
#
# COMPACT_ATOMS: atom_id res chain seq x y z
N ALA A 21 -30.94 26.71 22.35
CA ALA A 21 -32.03 25.87 22.85
C ALA A 21 -32.35 24.76 21.86
N ALA A 22 -33.02 25.12 20.77
CA ALA A 22 -33.28 24.18 19.69
C ALA A 22 -32.02 24.02 18.86
N VAL A 23 -31.20 25.06 18.83
CA VAL A 23 -29.92 25.03 18.14
C VAL A 23 -28.98 24.04 18.81
N GLU A 24 -29.15 23.88 20.12
CA GLU A 24 -28.37 22.92 20.89
C GLU A 24 -28.77 21.51 20.50
N ASP A 25 -30.07 21.27 20.38
CA ASP A 25 -30.59 19.96 19.98
C ASP A 25 -30.11 19.55 18.60
N ASN A 26 -30.02 20.52 17.69
CA ASN A 26 -29.57 20.26 16.33
C ASN A 26 -28.14 19.75 16.30
N HIS A 27 -27.26 20.34 17.11
CA HIS A 27 -25.90 19.86 17.24
C HIS A 27 -25.87 18.50 17.91
N LEU A 28 -26.79 18.29 18.86
CA LEU A 28 -26.94 16.99 19.51
C LEU A 28 -27.31 15.94 18.47
N LEU A 29 -28.12 16.34 17.49
CA LEU A 29 -28.51 15.43 16.41
C LEU A 29 -27.29 15.00 15.60
N ILE A 30 -26.47 15.97 15.22
CA ILE A 30 -25.24 15.68 14.49
C ILE A 30 -24.29 14.84 15.33
N LYS A 31 -24.17 15.17 16.60
CA LYS A 31 -23.32 14.41 17.51
C LYS A 31 -23.84 12.99 17.68
N ALA A 32 -25.16 12.86 17.79
CA ALA A 32 -25.80 11.56 17.91
C ALA A 32 -25.52 10.71 16.68
N VAL A 33 -25.59 11.33 15.50
CA VAL A 33 -25.26 10.64 14.26
C VAL A 33 -23.80 10.23 14.25
N GLN A 34 -22.91 11.14 14.61
CA GLN A 34 -21.48 10.86 14.64
C GLN A 34 -21.17 9.70 15.60
N ASN A 35 -21.84 9.68 16.74
CA ASN A 35 -21.68 8.61 17.72
C ASN A 35 -22.39 7.33 17.29
N GLU A 36 -23.12 7.41 16.19
CA GLU A 36 -23.86 6.28 15.65
C GLU A 36 -24.91 5.78 16.65
N ASP A 37 -25.45 6.71 17.43
CA ASP A 37 -26.50 6.40 18.40
C ASP A 37 -27.87 6.50 17.74
N VAL A 38 -28.37 5.36 17.25
CA VAL A 38 -29.60 5.35 16.48
C VAL A 38 -30.84 5.77 17.29
N ASP A 39 -30.99 5.20 18.48
CA ASP A 39 -32.12 5.53 19.34
C ASP A 39 -32.17 7.02 19.64
N LEU A 40 -31.01 7.59 19.94
CA LEU A 40 -30.93 9.03 20.23
C LEU A 40 -31.28 9.83 18.99
N VAL A 41 -30.75 9.43 17.84
CA VAL A 41 -31.06 10.10 16.58
C VAL A 41 -32.57 10.12 16.36
N GLN A 42 -33.22 8.97 16.56
CA GLN A 42 -34.67 8.88 16.45
C GLN A 42 -35.38 9.81 17.42
N GLN A 43 -34.97 9.77 18.69
CA GLN A 43 -35.61 10.55 19.73
C GLN A 43 -35.51 12.05 19.46
N LEU A 44 -34.35 12.50 18.99
CA LEU A 44 -34.15 13.91 18.69
C LEU A 44 -34.98 14.36 17.50
N LEU A 45 -35.05 13.52 16.47
CA LEU A 45 -35.85 13.84 15.29
C LEU A 45 -37.33 13.87 15.61
N GLU A 46 -37.79 12.89 16.38
CA GLU A 46 -39.19 12.85 16.80
C GLU A 46 -39.46 13.98 17.80
N GLY A 47 -38.40 14.50 18.39
CA GLY A 47 -38.50 15.63 19.30
C GLY A 47 -38.68 16.95 18.58
N GLY A 48 -38.36 16.97 17.29
CA GLY A 48 -38.51 18.17 16.49
C GLY A 48 -37.20 18.81 16.05
N ALA A 49 -36.09 18.12 16.26
CA ALA A 49 -34.78 18.61 15.83
C ALA A 49 -34.74 18.75 14.30
N ASN A 50 -34.15 19.86 13.83
CA ASN A 50 -34.07 20.12 12.39
C ASN A 50 -33.22 19.09 11.66
N VAL A 51 -33.88 18.19 10.93
CA VAL A 51 -33.19 17.12 10.22
C VAL A 51 -32.18 17.67 9.20
N ASN A 52 -32.46 18.87 8.69
CA ASN A 52 -31.60 19.50 7.70
C ASN A 52 -30.69 20.57 8.29
N PHE A 53 -30.41 20.47 9.58
CA PHE A 53 -29.53 21.42 10.24
C PHE A 53 -28.14 21.42 9.63
N GLN A 54 -27.63 22.61 9.34
CA GLN A 54 -26.27 22.76 8.83
C GLN A 54 -25.42 23.50 9.87
N GLU A 55 -24.42 22.83 10.42
CA GLU A 55 -23.50 23.49 11.34
C GLU A 55 -22.78 24.61 10.58
N GLU A 56 -22.71 25.78 11.18
CA GLU A 56 -22.34 27.00 10.46
C GLU A 56 -20.91 27.01 9.92
N GLU A 57 -20.01 26.30 10.58
CA GLU A 57 -18.61 26.34 10.18
C GLU A 57 -18.36 25.72 8.80
N GLY A 58 -18.78 24.47 8.63
CA GLY A 58 -18.52 23.75 7.39
C GLY A 58 -19.75 23.47 6.55
N GLY A 59 -20.92 23.69 7.13
CA GLY A 59 -22.17 23.43 6.43
C GLY A 59 -22.62 21.98 6.48
N TRP A 60 -21.91 21.17 7.26
CA TRP A 60 -22.25 19.75 7.38
C TRP A 60 -23.64 19.54 7.97
N THR A 61 -24.32 18.49 7.50
CA THR A 61 -25.63 18.11 7.99
C THR A 61 -25.55 16.73 8.63
N PRO A 62 -26.59 16.34 9.38
CA PRO A 62 -26.64 14.97 9.90
C PRO A 62 -26.45 13.96 8.79
N LEU A 63 -27.01 14.26 7.62
CA LEU A 63 -26.92 13.36 6.47
C LEU A 63 -25.48 13.22 5.97
N HIS A 64 -24.77 14.34 5.87
CA HIS A 64 -23.36 14.31 5.47
C HIS A 64 -22.59 13.38 6.39
N ASN A 65 -22.76 13.58 7.70
CA ASN A 65 -22.06 12.76 8.70
C ASN A 65 -22.44 11.29 8.63
N ALA A 66 -23.72 11.02 8.43
CA ALA A 66 -24.19 9.64 8.31
C ALA A 66 -23.54 8.98 7.10
N VAL A 67 -23.47 9.69 5.98
CA VAL A 67 -22.87 9.15 4.77
C VAL A 67 -21.38 8.90 4.97
N GLN A 68 -20.70 9.83 5.63
CA GLN A 68 -19.27 9.72 5.85
C GLN A 68 -18.91 8.46 6.65
N MET A 69 -19.83 8.01 7.49
CA MET A 69 -19.58 6.82 8.30
C MET A 69 -20.24 5.55 7.73
N SER A 70 -20.73 5.65 6.49
CA SER A 70 -21.29 4.49 5.79
C SER A 70 -22.47 3.84 6.50
N ARG A 71 -23.13 4.57 7.37
CA ARG A 71 -24.33 4.06 8.04
C ARG A 71 -25.56 4.23 7.15
N GLU A 72 -25.89 3.19 6.39
CA GLU A 72 -27.03 3.24 5.48
C GLU A 72 -28.33 3.40 6.26
N ASP A 73 -28.44 2.66 7.36
CA ASP A 73 -29.64 2.69 8.20
C ASP A 73 -29.91 4.09 8.74
N ILE A 74 -28.85 4.75 9.23
CA ILE A 74 -28.98 6.10 9.75
C ILE A 74 -29.33 7.09 8.64
N VAL A 75 -28.77 6.86 7.46
CA VAL A 75 -29.10 7.66 6.29
C VAL A 75 -30.59 7.53 5.96
N GLU A 76 -31.08 6.29 5.92
CA GLU A 76 -32.48 6.04 5.60
C GLU A 76 -33.40 6.66 6.66
N LEU A 77 -32.97 6.58 7.92
CA LEU A 77 -33.73 7.20 9.02
C LEU A 77 -33.85 8.70 8.79
N LEU A 78 -32.73 9.34 8.46
CA LEU A 78 -32.72 10.77 8.20
C LEU A 78 -33.59 11.11 6.99
N LEU A 79 -33.49 10.30 5.94
CA LEU A 79 -34.28 10.53 4.74
C LEU A 79 -35.77 10.41 5.01
N ARG A 80 -36.15 9.43 5.83
CA ARG A 80 -37.56 9.25 6.16
C ARG A 80 -38.11 10.41 6.99
N HIS A 81 -37.22 11.05 7.75
CA HIS A 81 -37.61 12.24 8.50
C HIS A 81 -37.53 13.50 7.64
N GLY A 82 -37.24 13.34 6.36
CA GLY A 82 -37.32 14.43 5.41
C GLY A 82 -36.03 15.15 5.09
N ALA A 83 -34.90 14.50 5.29
CA ALA A 83 -33.61 15.08 4.95
C ALA A 83 -33.48 15.32 3.45
N ASP A 84 -33.12 16.53 3.08
CA ASP A 84 -32.88 16.87 1.68
C ASP A 84 -31.73 16.00 1.16
N PRO A 85 -32.00 15.16 0.15
CA PRO A 85 -31.03 14.19 -0.36
C PRO A 85 -29.85 14.83 -1.09
N VAL A 86 -30.01 16.07 -1.54
CA VAL A 86 -28.99 16.72 -2.36
C VAL A 86 -28.46 18.01 -1.74
N LEU A 87 -28.75 18.22 -0.47
CA LEU A 87 -28.30 19.42 0.23
C LEU A 87 -26.77 19.44 0.37
N ARG A 88 -26.15 20.47 -0.22
CA ARG A 88 -24.70 20.58 -0.21
C ARG A 88 -24.18 21.28 1.05
N LYS A 89 -22.94 20.98 1.43
CA LYS A 89 -22.27 21.74 2.48
C LYS A 89 -21.46 22.88 1.86
N LYS A 90 -20.61 23.52 2.66
CA LYS A 90 -19.94 24.74 2.23
C LYS A 90 -19.05 24.56 0.99
N ASN A 91 -18.31 23.46 0.93
CA ASN A 91 -17.45 23.21 -0.22
C ASN A 91 -18.22 22.73 -1.46
N GLY A 92 -19.54 22.63 -1.31
CA GLY A 92 -20.40 22.25 -2.42
C GLY A 92 -20.64 20.76 -2.55
N ALA A 93 -19.97 19.97 -1.71
CA ALA A 93 -20.12 18.52 -1.77
C ALA A 93 -21.54 18.06 -1.42
N THR A 94 -22.05 17.13 -2.22
CA THR A 94 -23.35 16.52 -1.96
C THR A 94 -23.15 15.21 -1.20
N PRO A 95 -24.22 14.69 -0.60
CA PRO A 95 -24.13 13.36 0.03
C PRO A 95 -23.62 12.34 -0.97
N PHE A 96 -24.07 12.44 -2.22
CA PHE A 96 -23.63 11.53 -3.28
C PHE A 96 -22.11 11.51 -3.40
N ILE A 97 -21.50 12.70 -3.46
CA ILE A 97 -20.05 12.80 -3.57
C ILE A 97 -19.35 12.24 -2.33
N LEU A 98 -19.90 12.54 -1.16
CA LEU A 98 -19.39 11.98 0.09
C LEU A 98 -19.45 10.45 0.06
N ALA A 99 -20.46 9.91 -0.60
CA ALA A 99 -20.61 8.46 -0.71
C ALA A 99 -19.42 7.85 -1.44
N ALA A 100 -18.91 8.56 -2.44
CA ALA A 100 -17.73 8.11 -3.18
C ALA A 100 -16.49 8.10 -2.29
N ILE A 101 -16.35 9.15 -1.49
CA ILE A 101 -15.24 9.21 -0.55
C ILE A 101 -15.32 8.05 0.43
N ALA A 102 -16.53 7.76 0.90
CA ALA A 102 -16.77 6.64 1.81
C ALA A 102 -16.58 5.30 1.09
N GLY A 103 -16.70 5.34 -0.23
CA GLY A 103 -16.53 4.13 -1.04
C GLY A 103 -17.74 3.22 -0.99
N SER A 104 -18.90 3.81 -0.71
CA SER A 104 -20.13 3.03 -0.57
C SER A 104 -20.93 2.95 -1.86
N VAL A 105 -20.91 1.79 -2.51
CA VAL A 105 -21.66 1.58 -3.74
C VAL A 105 -23.17 1.70 -3.50
N LYS A 106 -23.64 1.16 -2.38
CA LYS A 106 -25.06 1.22 -2.04
C LYS A 106 -25.56 2.65 -1.84
N LEU A 107 -24.77 3.47 -1.17
CA LEU A 107 -25.16 4.86 -0.96
C LEU A 107 -25.08 5.66 -2.26
N LEU A 108 -24.04 5.40 -3.06
CA LEU A 108 -23.91 6.03 -4.37
C LEU A 108 -25.15 5.74 -5.21
N LYS A 109 -25.55 4.47 -5.23
CA LYS A 109 -26.74 4.05 -5.95
C LYS A 109 -27.98 4.74 -5.38
N LEU A 110 -28.04 4.84 -4.05
CA LEU A 110 -29.18 5.44 -3.38
C LEU A 110 -29.42 6.88 -3.81
N PHE A 111 -28.38 7.70 -3.75
CA PHE A 111 -28.52 9.12 -4.06
C PHE A 111 -28.73 9.38 -5.55
N LEU A 112 -28.29 8.45 -6.40
CA LEU A 112 -28.59 8.54 -7.82
C LEU A 112 -30.09 8.38 -8.07
N SER A 113 -30.76 7.65 -7.19
CA SER A 113 -32.21 7.50 -7.27
C SER A 113 -32.91 8.71 -6.65
N LYS A 114 -32.14 9.55 -5.97
CA LYS A 114 -32.70 10.70 -5.27
C LYS A 114 -32.52 12.01 -6.03
N GLY A 115 -31.90 11.95 -7.21
CA GLY A 115 -31.72 13.14 -8.02
C GLY A 115 -30.29 13.55 -8.26
N ALA A 116 -29.34 12.87 -7.63
CA ALA A 116 -27.92 13.15 -7.85
C ALA A 116 -27.55 12.86 -9.30
N ASP A 117 -26.69 13.69 -9.86
CA ASP A 117 -26.16 13.44 -11.20
C ASP A 117 -24.75 12.85 -11.10
N VAL A 118 -24.48 11.81 -11.89
CA VAL A 118 -23.22 11.09 -11.79
C VAL A 118 -21.99 11.99 -11.96
N ASN A 119 -22.15 13.11 -12.68
CA ASN A 119 -21.03 14.00 -12.95
C ASN A 119 -21.05 15.32 -12.18
N GLU A 120 -21.97 15.45 -11.24
CA GLU A 120 -22.03 16.67 -10.42
C GLU A 120 -20.72 16.82 -9.65
N CYS A 121 -20.45 18.04 -9.18
CA CYS A 121 -19.18 18.32 -8.53
C CYS A 121 -19.32 19.35 -7.42
N ASP A 122 -18.40 19.31 -6.46
CA ASP A 122 -18.34 20.33 -5.43
C ASP A 122 -17.78 21.61 -6.05
N PHE A 123 -17.67 22.66 -5.24
CA PHE A 123 -17.25 23.96 -5.75
C PHE A 123 -15.79 23.99 -6.17
N TYR A 124 -15.05 22.92 -5.91
CA TYR A 124 -13.67 22.82 -6.36
C TYR A 124 -13.54 21.89 -7.57
N GLY A 125 -14.68 21.48 -8.12
CA GLY A 125 -14.71 20.69 -9.33
C GLY A 125 -14.62 19.19 -9.11
N PHE A 126 -14.56 18.76 -7.85
CA PHE A 126 -14.46 17.33 -7.55
C PHE A 126 -15.77 16.58 -7.77
N THR A 127 -15.73 15.61 -8.69
CA THR A 127 -16.86 14.73 -8.90
C THR A 127 -16.73 13.48 -8.03
N ALA A 128 -17.76 12.65 -8.01
CA ALA A 128 -17.71 11.41 -7.26
C ALA A 128 -16.59 10.51 -7.78
N PHE A 129 -16.49 10.41 -9.10
CA PHE A 129 -15.49 9.57 -9.74
C PHE A 129 -14.09 9.96 -9.30
N MET A 130 -13.83 11.27 -9.25
CA MET A 130 -12.53 11.76 -8.82
C MET A 130 -12.25 11.42 -7.36
N GLU A 131 -13.25 11.60 -6.50
CA GLU A 131 -13.10 11.26 -5.09
C GLU A 131 -12.74 9.80 -4.91
N ALA A 132 -13.39 8.94 -5.69
CA ALA A 132 -13.10 7.51 -5.65
C ALA A 132 -11.64 7.27 -6.02
N ALA A 133 -11.16 8.01 -7.01
CA ALA A 133 -9.76 7.92 -7.43
C ALA A 133 -8.84 8.46 -6.33
N VAL A 134 -9.19 9.61 -5.76
CA VAL A 134 -8.39 10.21 -4.71
C VAL A 134 -8.25 9.29 -3.50
N TYR A 135 -9.33 8.62 -3.15
CA TYR A 135 -9.35 7.78 -1.96
C TYR A 135 -9.14 6.29 -2.25
N GLY A 136 -8.88 5.97 -3.51
CA GLY A 136 -8.56 4.61 -3.91
C GLY A 136 -9.71 3.63 -3.76
N LYS A 137 -10.93 4.13 -3.81
CA LYS A 137 -12.11 3.27 -3.70
C LYS A 137 -12.41 2.57 -5.03
N VAL A 138 -11.86 1.37 -5.18
CA VAL A 138 -11.97 0.63 -6.44
C VAL A 138 -13.40 0.33 -6.86
N LYS A 139 -14.18 -0.23 -5.94
CA LYS A 139 -15.55 -0.62 -6.24
C LYS A 139 -16.43 0.58 -6.57
N ALA A 140 -16.21 1.69 -5.88
CA ALA A 140 -16.95 2.92 -6.16
C ALA A 140 -16.56 3.44 -7.53
N LEU A 141 -15.27 3.34 -7.86
CA LEU A 141 -14.76 3.78 -9.15
C LEU A 141 -15.43 2.99 -10.28
N LYS A 142 -15.42 1.67 -10.16
CA LYS A 142 -16.01 0.82 -11.18
C LYS A 142 -17.50 1.06 -11.35
N PHE A 143 -18.21 1.20 -10.22
CA PHE A 143 -19.64 1.46 -10.26
C PHE A 143 -19.95 2.79 -10.93
N LEU A 144 -19.22 3.83 -10.54
CA LEU A 144 -19.45 5.16 -11.09
C LEU A 144 -19.13 5.20 -12.58
N TYR A 145 -18.14 4.42 -12.99
CA TYR A 145 -17.78 4.31 -14.39
C TYR A 145 -18.92 3.74 -15.23
N LYS A 146 -19.49 2.64 -14.75
CA LYS A 146 -20.59 1.99 -15.46
C LYS A 146 -21.86 2.82 -15.45
N ARG A 147 -21.92 3.81 -14.55
CA ARG A 147 -23.03 4.76 -14.50
C ARG A 147 -22.81 5.93 -15.45
N GLY A 148 -21.71 5.89 -16.19
CA GLY A 148 -21.42 6.90 -17.19
C GLY A 148 -20.74 8.14 -16.66
N ALA A 149 -19.86 7.96 -15.67
CA ALA A 149 -19.04 9.05 -15.18
C ALA A 149 -18.03 9.44 -16.26
N ASN A 150 -17.87 10.74 -16.48
CA ASN A 150 -16.87 11.23 -17.42
C ASN A 150 -15.48 11.06 -16.83
N VAL A 151 -14.78 10.03 -17.29
CA VAL A 151 -13.47 9.67 -16.76
C VAL A 151 -12.43 10.76 -16.97
N ASN A 152 -12.57 11.53 -18.04
CA ASN A 152 -11.54 12.51 -18.42
C ASN A 152 -11.87 13.96 -18.10
N LEU A 153 -12.88 14.20 -17.26
CA LEU A 153 -13.23 15.54 -16.86
C LEU A 153 -12.05 16.25 -16.20
N ARG A 154 -11.82 17.49 -16.61
CA ARG A 154 -10.84 18.34 -15.95
C ARG A 154 -11.58 19.29 -15.00
N ARG A 155 -11.08 19.39 -13.76
CA ARG A 155 -11.82 20.10 -12.72
C ARG A 155 -12.09 21.58 -12.99
N LYS A 156 -13.36 21.95 -12.86
CA LYS A 156 -13.75 23.36 -12.95
C LYS A 156 -14.06 23.90 -11.56
N THR A 157 -13.23 24.83 -11.08
CA THR A 157 -13.49 25.52 -9.82
C THR A 157 -14.46 26.67 -10.07
N LYS A 158 -14.79 27.41 -9.02
CA LYS A 158 -15.64 28.59 -9.14
C LYS A 158 -15.29 29.61 -8.07
N LEU A 164 -8.60 28.65 -9.36
CA LEU A 164 -7.20 29.02 -9.46
C LEU A 164 -6.45 28.12 -10.43
N ARG A 165 -5.15 28.35 -10.57
CA ARG A 165 -4.28 27.43 -11.30
C ARG A 165 -4.14 26.16 -10.47
N LYS A 166 -5.18 25.87 -9.70
CA LYS A 166 -5.26 24.69 -8.87
C LYS A 166 -6.32 23.75 -9.45
N GLY A 167 -6.83 24.13 -10.62
CA GLY A 167 -7.86 23.36 -11.30
C GLY A 167 -7.40 22.75 -12.62
N GLY A 168 -8.33 22.11 -13.32
CA GLY A 168 -8.02 21.45 -14.58
C GLY A 168 -7.47 20.04 -14.38
N ALA A 169 -7.36 19.62 -13.13
CA ALA A 169 -6.86 18.28 -12.81
C ALA A 169 -7.88 17.19 -13.14
N THR A 170 -7.44 15.94 -13.11
CA THR A 170 -8.28 14.81 -13.47
C THR A 170 -8.15 13.67 -12.47
N ALA A 171 -9.02 12.67 -12.60
CA ALA A 171 -8.99 11.50 -11.72
C ALA A 171 -7.67 10.73 -11.85
N LEU A 172 -7.12 10.68 -13.05
CA LEU A 172 -5.85 9.99 -13.27
C LEU A 172 -4.72 10.65 -12.49
N MET A 173 -4.67 11.98 -12.53
CA MET A 173 -3.65 12.72 -11.79
C MET A 173 -3.83 12.50 -10.28
N ASP A 174 -5.08 12.46 -9.83
CA ASP A 174 -5.36 12.21 -8.43
C ASP A 174 -4.79 10.87 -8.00
N ALA A 175 -5.05 9.83 -8.79
CA ALA A 175 -4.56 8.49 -8.49
C ALA A 175 -3.04 8.45 -8.51
N ALA A 176 -2.43 9.15 -9.47
CA ALA A 176 -0.99 9.20 -9.58
C ALA A 176 -0.37 9.92 -8.38
N GLU A 177 -0.92 11.09 -8.06
CA GLU A 177 -0.44 11.87 -6.92
C GLU A 177 -0.58 11.10 -5.60
N LYS A 178 -1.68 10.38 -5.45
CA LYS A 178 -1.98 9.68 -4.19
C LYS A 178 -1.32 8.30 -4.11
N GLY A 179 -0.79 7.82 -5.23
CA GLY A 179 -0.06 6.57 -5.25
C GLY A 179 -0.91 5.31 -5.41
N HIS A 180 -2.21 5.49 -5.67
CA HIS A 180 -3.10 4.33 -5.84
C HIS A 180 -2.82 3.59 -7.14
N VAL A 181 -1.92 2.61 -7.07
CA VAL A 181 -1.45 1.91 -8.26
C VAL A 181 -2.55 1.13 -8.98
N GLU A 182 -3.36 0.39 -8.22
CA GLU A 182 -4.42 -0.42 -8.82
C GLU A 182 -5.44 0.45 -9.55
N VAL A 183 -5.83 1.55 -8.92
CA VAL A 183 -6.78 2.48 -9.52
C VAL A 183 -6.19 3.08 -10.80
N LEU A 184 -4.91 3.42 -10.76
CA LEU A 184 -4.23 3.98 -11.93
C LEU A 184 -4.32 3.02 -13.11
N LYS A 185 -4.05 1.75 -12.85
CA LYS A 185 -4.15 0.73 -13.90
C LYS A 185 -5.55 0.62 -14.45
N ILE A 186 -6.54 0.59 -13.55
CA ILE A 186 -7.93 0.48 -13.96
C ILE A 186 -8.33 1.65 -14.86
N LEU A 187 -7.85 2.84 -14.53
CA LEU A 187 -8.14 4.03 -15.31
C LEU A 187 -7.49 3.95 -16.69
N LEU A 188 -6.23 3.53 -16.73
CA LEU A 188 -5.48 3.46 -17.99
C LEU A 188 -5.95 2.32 -18.89
N ASP A 189 -6.17 1.15 -18.29
CA ASP A 189 -6.50 -0.06 -19.07
C ASP A 189 -7.99 -0.25 -19.31
N GLU A 190 -8.82 0.03 -18.30
CA GLU A 190 -10.22 -0.33 -18.37
C GLU A 190 -11.19 0.83 -18.58
N MET A 191 -10.70 2.07 -18.44
CA MET A 191 -11.61 3.21 -18.45
C MET A 191 -11.23 4.34 -19.41
N GLY A 192 -10.19 4.12 -20.21
CA GLY A 192 -9.81 5.06 -21.25
C GLY A 192 -9.39 6.42 -20.73
N ALA A 193 -8.69 6.43 -19.61
CA ALA A 193 -8.15 7.68 -19.07
C ALA A 193 -7.04 8.20 -19.98
N ASP A 194 -7.13 9.47 -20.36
CA ASP A 194 -6.12 10.09 -21.20
C ASP A 194 -4.85 10.34 -20.38
N VAL A 195 -3.81 9.57 -20.69
CA VAL A 195 -2.57 9.60 -19.90
C VAL A 195 -1.84 10.93 -20.00
N ASN A 196 -2.15 11.72 -21.03
CA ASN A 196 -1.41 12.94 -21.31
C ASN A 196 -2.19 14.24 -21.16
N ALA A 197 -3.34 14.17 -20.48
CA ALA A 197 -4.09 15.40 -20.17
C ALA A 197 -3.29 16.25 -19.21
N CYS A 198 -3.49 17.57 -19.27
CA CYS A 198 -2.77 18.49 -18.39
C CYS A 198 -3.73 19.38 -17.61
N ASP A 199 -3.38 19.69 -16.37
CA ASP A 199 -4.15 20.64 -15.57
C ASP A 199 -3.84 22.08 -16.00
N ASN A 200 -4.38 23.05 -15.28
CA ASN A 200 -4.18 24.44 -15.62
C ASN A 200 -2.72 24.91 -15.49
N MET A 201 -1.95 24.20 -14.68
CA MET A 201 -0.53 24.51 -14.49
C MET A 201 0.35 23.82 -15.53
N GLY A 202 -0.26 23.09 -16.45
CA GLY A 202 0.47 22.38 -17.49
C GLY A 202 1.00 21.04 -17.04
N ARG A 203 0.65 20.63 -15.82
CA ARG A 203 1.11 19.36 -15.27
C ARG A 203 0.26 18.18 -15.72
N ASN A 204 0.91 17.06 -16.02
CA ASN A 204 0.19 15.82 -16.34
C ASN A 204 0.32 14.81 -15.22
N ALA A 205 -0.27 13.63 -15.41
CA ALA A 205 -0.26 12.58 -14.39
C ALA A 205 1.17 12.22 -13.99
N LEU A 206 2.08 12.22 -14.97
CA LEU A 206 3.47 11.92 -14.69
C LEU A 206 4.06 12.92 -13.70
N ILE A 207 3.79 14.20 -13.92
CA ILE A 207 4.30 15.26 -13.04
C ILE A 207 3.73 15.09 -11.64
N HIS A 208 2.42 14.90 -11.55
CA HIS A 208 1.76 14.75 -10.25
C HIS A 208 2.29 13.57 -9.47
N ALA A 209 2.62 12.48 -10.17
CA ALA A 209 3.19 11.30 -9.54
C ALA A 209 4.55 11.61 -8.92
N LEU A 210 5.36 12.38 -9.65
CA LEU A 210 6.70 12.74 -9.20
C LEU A 210 6.67 13.83 -8.14
N LEU A 211 5.61 14.63 -8.15
CA LEU A 211 5.49 15.77 -7.24
C LEU A 211 5.22 15.40 -5.79
N SER A 212 4.42 14.35 -5.56
CA SER A 212 3.90 14.11 -4.23
C SER A 212 3.83 12.65 -3.81
N SER A 213 3.70 11.74 -4.77
CA SER A 213 3.57 10.32 -4.46
C SER A 213 4.70 9.87 -3.55
N ASP A 214 4.37 8.98 -2.61
CA ASP A 214 5.37 8.46 -1.69
C ASP A 214 6.42 7.69 -2.47
N ASP A 215 7.65 7.69 -1.98
CA ASP A 215 8.73 6.95 -2.62
C ASP A 215 8.38 5.48 -2.69
N SER A 216 7.31 5.11 -1.99
CA SER A 216 6.84 3.73 -1.92
C SER A 216 6.18 3.27 -3.22
N ASP A 217 5.47 4.18 -3.88
CA ASP A 217 4.68 3.82 -5.05
C ASP A 217 5.08 4.56 -6.32
N VAL A 218 5.99 5.52 -6.20
CA VAL A 218 6.34 6.40 -7.30
C VAL A 218 6.96 5.66 -8.50
N GLU A 219 7.84 4.70 -8.23
CA GLU A 219 8.48 3.95 -9.30
C GLU A 219 7.47 3.19 -10.15
N ALA A 220 6.56 2.49 -9.49
CA ALA A 220 5.55 1.69 -10.19
C ALA A 220 4.60 2.58 -10.99
N ILE A 221 4.20 3.70 -10.41
CA ILE A 221 3.30 4.63 -11.07
C ILE A 221 3.95 5.28 -12.29
N THR A 222 5.21 5.69 -12.13
CA THR A 222 5.95 6.28 -13.23
C THR A 222 6.12 5.26 -14.35
N HIS A 223 6.46 4.04 -13.98
CA HIS A 223 6.62 2.96 -14.95
C HIS A 223 5.36 2.75 -15.75
N LEU A 224 4.22 2.65 -15.05
CA LEU A 224 2.93 2.45 -15.71
C LEU A 224 2.60 3.58 -16.68
N LEU A 225 2.76 4.82 -16.22
CA LEU A 225 2.45 5.98 -17.06
C LEU A 225 3.33 6.02 -18.30
N LEU A 226 4.63 5.78 -18.13
CA LEU A 226 5.56 5.80 -19.25
C LEU A 226 5.20 4.73 -20.28
N ASP A 227 4.84 3.55 -19.80
CA ASP A 227 4.42 2.46 -20.68
C ASP A 227 3.17 2.84 -21.47
N HIS A 228 2.28 3.60 -20.83
CA HIS A 228 1.03 4.01 -21.48
C HIS A 228 1.20 5.25 -22.35
N GLY A 229 2.44 5.67 -22.55
CA GLY A 229 2.74 6.77 -23.47
C GLY A 229 2.78 8.15 -22.84
N ALA A 230 3.03 8.21 -21.54
CA ALA A 230 3.13 9.50 -20.87
C ALA A 230 4.27 10.34 -21.45
N ASP A 231 4.03 11.63 -21.61
CA ASP A 231 5.04 12.54 -22.18
C ASP A 231 6.08 12.93 -21.14
N VAL A 232 7.33 12.50 -21.35
CA VAL A 232 8.42 12.81 -20.44
C VAL A 232 8.91 14.25 -20.55
N ASN A 233 8.51 14.95 -21.61
CA ASN A 233 9.00 16.29 -21.86
C ASN A 233 8.01 17.40 -21.50
N VAL A 234 7.15 17.14 -20.53
CA VAL A 234 6.20 18.15 -20.05
C VAL A 234 6.84 19.06 -19.01
N ARG A 235 6.40 20.32 -18.99
CA ARG A 235 6.89 21.29 -18.04
C ARG A 235 5.88 21.53 -16.91
N GLY A 236 6.36 21.43 -15.67
CA GLY A 236 5.52 21.73 -14.53
C GLY A 236 5.77 23.12 -14.00
N GLU A 237 5.43 23.35 -12.74
CA GLU A 237 5.69 24.63 -12.10
C GLU A 237 7.20 24.92 -12.12
N ARG A 238 7.55 26.16 -12.44
CA ARG A 238 8.95 26.59 -12.45
C ARG A 238 9.78 25.89 -13.53
N GLY A 239 9.13 25.47 -14.61
CA GLY A 239 9.82 24.84 -15.72
C GLY A 239 10.40 23.48 -15.39
N LYS A 240 10.03 22.93 -14.23
CA LYS A 240 10.52 21.62 -13.82
C LYS A 240 10.00 20.52 -14.73
N THR A 241 10.92 19.67 -15.19
CA THR A 241 10.58 18.51 -16.01
C THR A 241 10.56 17.25 -15.16
N PRO A 242 10.00 16.16 -15.69
CA PRO A 242 10.02 14.88 -14.98
C PRO A 242 11.44 14.48 -14.59
N LEU A 243 12.38 14.60 -15.51
CA LEU A 243 13.78 14.27 -15.24
C LEU A 243 14.33 15.08 -14.07
N ILE A 244 14.08 16.38 -14.10
CA ILE A 244 14.57 17.28 -13.05
C ILE A 244 13.91 16.98 -11.70
N LEU A 245 12.61 16.72 -11.72
CA LEU A 245 11.89 16.40 -10.49
C LEU A 245 12.43 15.13 -9.85
N ALA A 246 12.80 14.17 -10.69
CA ALA A 246 13.38 12.91 -10.21
C ALA A 246 14.76 13.14 -9.62
N VAL A 247 15.49 14.08 -10.20
CA VAL A 247 16.80 14.46 -9.68
C VAL A 247 16.65 15.13 -8.32
N GLU A 248 15.66 16.01 -8.20
CA GLU A 248 15.40 16.69 -6.94
C GLU A 248 14.79 15.74 -5.91
N LYS A 249 14.18 14.66 -6.40
CA LYS A 249 13.71 13.59 -5.52
C LYS A 249 14.90 12.80 -4.97
N LYS A 250 16.07 13.01 -5.59
CA LYS A 250 17.28 12.28 -5.24
C LYS A 250 17.10 10.78 -5.52
N HIS A 251 16.07 10.45 -6.29
CA HIS A 251 15.75 9.07 -6.59
C HIS A 251 16.49 8.55 -7.83
N LEU A 252 17.51 7.73 -7.61
CA LEU A 252 18.31 7.19 -8.70
C LEU A 252 17.50 6.31 -9.65
N GLY A 253 16.58 5.52 -9.08
CA GLY A 253 15.77 4.61 -9.86
C GLY A 253 14.91 5.32 -10.89
N LEU A 254 14.25 6.39 -10.46
CA LEU A 254 13.39 7.17 -11.34
C LEU A 254 14.20 7.82 -12.46
N VAL A 255 15.32 8.44 -12.10
CA VAL A 255 16.19 9.07 -13.08
C VAL A 255 16.61 8.05 -14.13
N GLN A 256 16.96 6.87 -13.66
CA GLN A 256 17.39 5.79 -14.55
C GLN A 256 16.27 5.35 -15.46
N ARG A 257 15.08 5.19 -14.89
CA ARG A 257 13.91 4.79 -15.67
C ARG A 257 13.55 5.85 -16.72
N LEU A 258 13.60 7.11 -16.32
CA LEU A 258 13.25 8.21 -17.21
C LEU A 258 14.21 8.34 -18.39
N LEU A 259 15.51 8.13 -18.12
CA LEU A 259 16.51 8.25 -19.16
C LEU A 259 16.40 7.14 -20.20
N GLU A 260 15.66 6.10 -19.87
CA GLU A 260 15.45 5.00 -20.81
C GLU A 260 14.43 5.37 -21.89
N GLN A 261 13.69 6.45 -21.66
CA GLN A 261 12.74 6.95 -22.64
C GLN A 261 13.49 7.47 -23.86
N GLU A 262 12.98 7.15 -25.04
CA GLU A 262 13.68 7.45 -26.29
C GLU A 262 13.86 8.95 -26.53
N HIS A 263 12.79 9.71 -26.37
CA HIS A 263 12.80 11.13 -26.72
C HIS A 263 13.00 12.07 -25.54
N ILE A 264 13.63 11.59 -24.47
CA ILE A 264 13.85 12.43 -23.30
C ILE A 264 14.90 13.51 -23.58
N GLU A 265 14.63 14.72 -23.09
CA GLU A 265 15.54 15.85 -23.27
C GLU A 265 16.44 16.04 -22.06
N ILE A 266 17.60 15.36 -22.07
CA ILE A 266 18.56 15.42 -20.97
C ILE A 266 19.02 16.85 -20.65
N ASN A 267 18.86 17.76 -21.61
CA ASN A 267 19.40 19.10 -21.44
C ASN A 267 18.35 20.20 -21.25
N ASP A 268 17.10 19.80 -21.06
CA ASP A 268 16.05 20.75 -20.73
C ASP A 268 16.43 21.53 -19.49
N THR A 269 15.96 22.77 -19.39
CA THR A 269 16.26 23.61 -18.23
C THR A 269 14.98 24.10 -17.56
N ASP A 270 15.03 24.27 -16.25
CA ASP A 270 13.92 24.86 -15.52
C ASP A 270 13.91 26.38 -15.72
N SER A 271 12.97 27.06 -15.08
CA SER A 271 12.85 28.50 -15.20
C SER A 271 14.15 29.20 -14.82
N ASP A 272 14.88 28.63 -13.87
CA ASP A 272 16.14 29.19 -13.40
C ASP A 272 17.29 28.94 -14.38
N GLY A 273 17.01 28.20 -15.45
CA GLY A 273 18.01 27.91 -16.46
C GLY A 273 19.00 26.82 -16.06
N LYS A 274 18.60 25.98 -15.11
CA LYS A 274 19.43 24.87 -14.66
C LYS A 274 18.97 23.55 -15.27
N THR A 275 19.93 22.72 -15.67
CA THR A 275 19.62 21.41 -16.22
C THR A 275 19.63 20.35 -15.11
N ALA A 276 19.23 19.13 -15.47
CA ALA A 276 19.21 18.03 -14.51
C ALA A 276 20.59 17.74 -13.94
N LEU A 277 21.61 17.85 -14.79
CA LEU A 277 22.98 17.58 -14.37
C LEU A 277 23.49 18.63 -13.38
N LEU A 278 23.26 19.90 -13.70
CA LEU A 278 23.68 20.99 -12.83
C LEU A 278 23.09 20.78 -11.44
N LEU A 279 21.79 20.51 -11.40
CA LEU A 279 21.09 20.30 -10.14
C LEU A 279 21.63 19.07 -9.41
N ALA A 280 21.96 18.03 -10.15
CA ALA A 280 22.52 16.83 -9.56
C ALA A 280 23.82 17.15 -8.84
N VAL A 281 24.65 17.99 -9.44
CA VAL A 281 25.91 18.39 -8.85
C VAL A 281 25.69 19.28 -7.64
N GLU A 282 24.82 20.28 -7.78
CA GLU A 282 24.53 21.19 -6.69
C GLU A 282 23.87 20.48 -5.52
N LEU A 283 23.04 19.49 -5.82
CA LEU A 283 22.37 18.71 -4.79
C LEU A 283 23.28 17.63 -4.22
N LYS A 284 24.52 17.58 -4.71
CA LYS A 284 25.52 16.65 -4.19
C LYS A 284 25.14 15.20 -4.40
N LEU A 285 24.56 14.91 -5.56
CA LEU A 285 24.18 13.55 -5.93
C LEU A 285 25.15 13.01 -6.97
N LYS A 286 26.19 12.31 -6.53
CA LYS A 286 27.24 11.84 -7.43
C LYS A 286 26.76 10.78 -8.42
N LYS A 287 26.07 9.76 -7.91
CA LYS A 287 25.63 8.65 -8.73
C LYS A 287 24.62 9.08 -9.80
N ILE A 288 23.69 9.95 -9.41
CA ILE A 288 22.71 10.48 -10.36
C ILE A 288 23.39 11.38 -11.38
N ALA A 289 24.35 12.18 -10.92
CA ALA A 289 25.10 13.07 -11.80
C ALA A 289 25.95 12.27 -12.78
N GLU A 290 26.55 11.19 -12.28
CA GLU A 290 27.36 10.32 -13.11
C GLU A 290 26.50 9.63 -14.16
N LEU A 291 25.29 9.24 -13.78
CA LEU A 291 24.35 8.62 -14.69
C LEU A 291 24.04 9.58 -15.82
N LEU A 292 23.76 10.83 -15.45
CA LEU A 292 23.44 11.86 -16.43
C LEU A 292 24.61 12.14 -17.36
N CYS A 293 25.83 12.05 -16.83
CA CYS A 293 27.02 12.27 -17.63
C CYS A 293 27.21 11.19 -18.69
N LYS A 294 26.88 9.95 -18.32
CA LYS A 294 27.04 8.82 -19.23
C LYS A 294 26.11 8.92 -20.44
N ARG A 295 25.41 10.04 -20.57
CA ARG A 295 24.46 10.24 -21.66
C ARG A 295 24.21 11.71 -21.98
N GLY A 296 24.55 12.61 -21.06
CA GLY A 296 24.13 14.00 -21.12
C GLY A 296 25.07 15.00 -21.76
N ALA A 297 25.17 16.17 -21.12
CA ALA A 297 25.99 17.27 -21.64
C ALA A 297 26.69 17.99 -20.48
N SER A 298 28.02 18.08 -20.57
CA SER A 298 28.84 18.54 -19.45
C SER A 298 28.92 20.06 -19.28
N THR A 299 28.81 20.80 -20.37
CA THR A 299 28.98 22.25 -20.32
C THR A 299 27.66 23.03 -20.23
N ASP A 300 26.61 22.45 -20.80
CA ASP A 300 25.33 23.13 -20.90
C ASP A 300 24.80 23.61 -19.55
N CYS A 301 25.30 23.01 -18.47
CA CYS A 301 24.80 23.31 -17.14
C CYS A 301 25.65 24.33 -16.37
N GLY A 302 26.88 24.55 -16.80
CA GLY A 302 27.75 25.53 -16.18
C GLY A 302 28.99 24.94 -15.52
N ASP A 303 29.53 25.67 -14.55
CA ASP A 303 30.73 25.24 -13.84
C ASP A 303 30.45 24.11 -12.85
N LEU A 304 30.49 22.88 -13.34
CA LEU A 304 30.22 21.70 -12.53
C LEU A 304 31.40 21.34 -11.63
N VAL A 305 32.60 21.32 -12.20
CA VAL A 305 33.80 20.97 -11.44
C VAL A 305 33.99 21.89 -10.25
N MET A 306 33.72 23.18 -10.45
CA MET A 306 33.85 24.15 -9.38
C MET A 306 32.91 23.81 -8.23
N THR A 307 31.67 23.45 -8.55
CA THR A 307 30.68 23.09 -7.55
C THR A 307 31.04 21.79 -6.84
N ALA A 308 31.50 20.81 -7.61
CA ALA A 308 31.86 19.51 -7.07
C ALA A 308 33.08 19.61 -6.14
N ARG A 309 34.01 20.46 -6.51
CA ARG A 309 35.24 20.65 -5.71
C ARG A 309 34.96 21.38 -4.40
N ARG A 310 34.14 22.42 -4.47
CA ARG A 310 33.81 23.20 -3.27
C ARG A 310 33.02 22.36 -2.27
N ASN A 311 32.42 21.27 -2.75
CA ASN A 311 31.69 20.34 -1.89
C ASN A 311 32.55 19.18 -1.42
N TYR A 312 33.83 19.22 -1.76
CA TYR A 312 34.80 18.22 -1.32
C TYR A 312 34.55 16.84 -1.94
N ASP A 313 33.75 16.79 -3.00
CA ASP A 313 33.52 15.55 -3.72
C ASP A 313 34.48 15.41 -4.89
N HIS A 314 35.69 14.97 -4.62
CA HIS A 314 36.73 14.83 -5.64
C HIS A 314 36.43 13.68 -6.60
N SER A 315 35.75 12.66 -6.10
CA SER A 315 35.35 11.53 -6.93
C SER A 315 34.42 12.01 -8.04
N LEU A 316 33.53 12.94 -7.72
CA LEU A 316 32.61 13.52 -8.69
C LEU A 316 33.38 14.39 -9.69
N VAL A 317 34.36 15.13 -9.19
CA VAL A 317 35.20 15.95 -10.06
C VAL A 317 35.89 15.07 -11.09
N LYS A 318 36.33 13.89 -10.67
CA LYS A 318 36.93 12.92 -11.57
C LYS A 318 35.99 12.62 -12.74
N VAL A 319 34.76 12.25 -12.39
CA VAL A 319 33.76 11.90 -13.39
C VAL A 319 33.49 13.06 -14.34
N LEU A 320 33.27 14.25 -13.78
CA LEU A 320 32.96 15.43 -14.57
C LEU A 320 34.07 15.74 -15.58
N LEU A 321 35.33 15.62 -15.13
CA LEU A 321 36.47 15.86 -16.01
C LEU A 321 36.55 14.80 -17.10
N SER A 322 36.23 13.56 -16.73
CA SER A 322 36.24 12.45 -17.68
C SER A 322 35.20 12.66 -18.78
N HIS A 323 34.23 13.53 -18.52
CA HIS A 323 33.17 13.80 -19.48
C HIS A 323 33.27 15.20 -20.09
N GLY A 324 34.38 15.88 -19.84
CA GLY A 324 34.65 17.14 -20.50
C GLY A 324 34.19 18.39 -19.78
N ALA A 325 34.11 18.33 -18.46
CA ALA A 325 33.86 19.53 -17.67
C ALA A 325 35.07 20.44 -17.78
N LYS A 326 34.94 21.69 -17.33
CA LYS A 326 35.95 22.70 -17.61
C LYS A 326 37.04 22.88 -16.55
N GLU A 327 36.88 23.88 -15.69
CA GLU A 327 37.93 24.28 -14.77
C GLU A 327 37.74 23.72 -13.35
N GLU B 24 -11.61 -42.28 -16.33
CA GLU B 24 -11.41 -40.85 -16.09
C GLU B 24 -10.30 -40.22 -16.94
N ASP B 25 -9.12 -40.86 -17.00
CA ASP B 25 -8.84 -42.10 -16.30
C ASP B 25 -7.58 -41.95 -15.45
N ASN B 26 -6.65 -41.12 -15.91
CA ASN B 26 -5.48 -40.78 -15.10
C ASN B 26 -5.91 -40.02 -13.86
N HIS B 27 -7.10 -39.43 -13.93
CA HIS B 27 -7.70 -38.76 -12.79
C HIS B 27 -8.02 -39.76 -11.69
N LEU B 28 -8.31 -41.00 -12.08
CA LEU B 28 -8.52 -42.07 -11.13
C LEU B 28 -7.27 -42.30 -10.29
N LEU B 29 -6.11 -42.17 -10.92
CA LEU B 29 -4.85 -42.33 -10.22
C LEU B 29 -4.67 -41.24 -9.17
N ILE B 30 -4.91 -40.00 -9.57
CA ILE B 30 -4.84 -38.87 -8.64
C ILE B 30 -5.90 -39.01 -7.56
N LYS B 31 -7.08 -39.47 -7.93
CA LYS B 31 -8.19 -39.64 -6.99
C LYS B 31 -7.91 -40.77 -6.00
N ALA B 32 -7.30 -41.85 -6.51
CA ALA B 32 -6.96 -42.99 -5.67
C ALA B 32 -5.93 -42.60 -4.61
N VAL B 33 -4.99 -41.75 -5.01
CA VAL B 33 -3.97 -41.25 -4.08
C VAL B 33 -4.64 -40.42 -2.99
N GLN B 34 -5.54 -39.53 -3.39
CA GLN B 34 -6.25 -38.67 -2.44
C GLN B 34 -7.10 -39.51 -1.49
N ASN B 35 -7.75 -40.53 -2.03
CA ASN B 35 -8.55 -41.44 -1.22
C ASN B 35 -7.69 -42.48 -0.50
N GLU B 36 -6.37 -42.36 -0.70
CA GLU B 36 -5.40 -43.20 0.00
C GLU B 36 -5.68 -44.69 -0.17
N ASP B 37 -6.09 -45.06 -1.37
CA ASP B 37 -6.36 -46.46 -1.70
C ASP B 37 -5.13 -47.08 -2.36
N VAL B 38 -4.23 -47.61 -1.54
CA VAL B 38 -2.95 -48.14 -2.03
C VAL B 38 -3.14 -49.22 -3.10
N ASP B 39 -4.03 -50.16 -2.84
CA ASP B 39 -4.27 -51.27 -3.77
C ASP B 39 -4.73 -50.74 -5.12
N LEU B 40 -5.55 -49.70 -5.09
CA LEU B 40 -6.07 -49.10 -6.31
C LEU B 40 -4.97 -48.37 -7.08
N VAL B 41 -4.16 -47.60 -6.37
CA VAL B 41 -3.04 -46.90 -6.98
C VAL B 41 -2.11 -47.90 -7.64
N GLN B 42 -1.85 -48.99 -6.93
CA GLN B 42 -0.98 -50.04 -7.43
C GLN B 42 -1.60 -50.69 -8.66
N GLN B 43 -2.89 -50.97 -8.57
CA GLN B 43 -3.62 -51.60 -9.67
C GLN B 43 -3.61 -50.71 -10.90
N LEU B 44 -3.86 -49.41 -10.69
CA LEU B 44 -3.87 -48.44 -11.78
C LEU B 44 -2.49 -48.29 -12.40
N LEU B 45 -1.46 -48.23 -11.57
CA LEU B 45 -0.09 -48.07 -12.05
C LEU B 45 0.36 -49.28 -12.86
N GLU B 46 0.12 -50.48 -12.32
CA GLU B 46 0.41 -51.71 -13.05
C GLU B 46 -0.51 -51.83 -14.25
N GLY B 47 -1.66 -51.17 -14.16
CA GLY B 47 -2.61 -51.12 -15.26
C GLY B 47 -2.14 -50.22 -16.38
N GLY B 48 -1.09 -49.45 -16.12
CA GLY B 48 -0.50 -48.60 -17.14
C GLY B 48 -0.85 -47.13 -17.05
N ALA B 49 -1.38 -46.72 -15.91
CA ALA B 49 -1.72 -45.31 -15.69
C ALA B 49 -0.46 -44.44 -15.76
N ASN B 50 -0.63 -43.20 -16.22
CA ASN B 50 0.48 -42.25 -16.26
C ASN B 50 0.84 -41.76 -14.86
N VAL B 51 1.99 -42.20 -14.35
CA VAL B 51 2.41 -41.87 -13.00
C VAL B 51 2.74 -40.38 -12.87
N ASN B 52 3.07 -39.75 -13.99
CA ASN B 52 3.41 -38.33 -13.99
C ASN B 52 2.33 -37.43 -14.57
N PHE B 53 1.10 -37.93 -14.62
CA PHE B 53 -0.02 -37.15 -15.11
C PHE B 53 -0.21 -35.89 -14.27
N GLN B 54 -0.68 -34.83 -14.91
CA GLN B 54 -0.92 -33.56 -14.22
C GLN B 54 -2.32 -33.05 -14.51
N GLU B 55 -3.13 -32.91 -13.47
CA GLU B 55 -4.47 -32.37 -13.63
C GLU B 55 -4.37 -30.95 -14.21
N GLU B 56 -5.25 -30.63 -15.14
CA GLU B 56 -5.11 -29.46 -15.98
C GLU B 56 -5.23 -28.12 -15.26
N GLU B 57 -5.93 -28.09 -14.12
CA GLU B 57 -6.21 -26.84 -13.45
C GLU B 57 -5.03 -26.30 -12.63
N GLY B 58 -4.33 -27.21 -11.94
CA GLY B 58 -3.23 -26.81 -11.07
C GLY B 58 -1.91 -27.49 -11.39
N GLY B 59 -1.96 -28.46 -12.30
CA GLY B 59 -0.77 -29.21 -12.68
C GLY B 59 -0.30 -30.16 -11.60
N TRP B 60 -1.19 -30.45 -10.65
CA TRP B 60 -0.88 -31.39 -9.57
C TRP B 60 -0.69 -32.80 -10.12
N THR B 61 0.32 -33.49 -9.60
CA THR B 61 0.60 -34.86 -9.98
C THR B 61 0.19 -35.81 -8.86
N PRO B 62 0.16 -37.12 -9.15
CA PRO B 62 -0.08 -38.09 -8.09
C PRO B 62 0.95 -37.92 -6.97
N LEU B 63 2.18 -37.61 -7.35
CA LEU B 63 3.26 -37.41 -6.38
C LEU B 63 2.99 -36.20 -5.50
N HIS B 64 2.59 -35.09 -6.12
CA HIS B 64 2.27 -33.89 -5.36
C HIS B 64 1.23 -34.19 -4.28
N ASN B 65 0.17 -34.90 -4.67
CA ASN B 65 -0.90 -35.24 -3.76
C ASN B 65 -0.45 -36.18 -2.64
N ALA B 66 0.36 -37.17 -2.99
CA ALA B 66 0.86 -38.13 -2.02
C ALA B 66 1.72 -37.44 -0.96
N VAL B 67 2.54 -36.49 -1.41
CA VAL B 67 3.39 -35.73 -0.50
C VAL B 67 2.57 -34.83 0.40
N GLN B 68 1.57 -34.18 -0.19
CA GLN B 68 0.70 -33.26 0.53
C GLN B 68 0.04 -33.92 1.73
N MET B 69 -0.26 -35.21 1.62
CA MET B 69 -0.91 -35.93 2.70
C MET B 69 0.09 -36.60 3.64
N SER B 70 1.37 -36.42 3.35
CA SER B 70 2.44 -37.04 4.14
C SER B 70 2.36 -38.56 4.10
N ARG B 71 1.95 -39.09 2.96
CA ARG B 71 1.91 -40.55 2.76
C ARG B 71 3.19 -41.05 2.11
N GLU B 72 4.16 -41.43 2.93
CA GLU B 72 5.46 -41.86 2.46
C GLU B 72 5.37 -43.14 1.62
N ASP B 73 4.56 -44.09 2.06
CA ASP B 73 4.40 -45.35 1.35
C ASP B 73 3.90 -45.13 -0.07
N ILE B 74 2.83 -44.34 -0.22
CA ILE B 74 2.29 -44.02 -1.53
C ILE B 74 3.33 -43.28 -2.37
N VAL B 75 4.05 -42.37 -1.72
CA VAL B 75 5.09 -41.60 -2.39
C VAL B 75 6.16 -42.51 -2.99
N GLU B 76 6.60 -43.50 -2.22
CA GLU B 76 7.61 -44.43 -2.69
C GLU B 76 7.05 -45.35 -3.78
N LEU B 77 5.81 -45.77 -3.60
CA LEU B 77 5.13 -46.57 -4.61
C LEU B 77 5.14 -45.82 -5.94
N LEU B 78 4.83 -44.53 -5.90
CA LEU B 78 4.81 -43.70 -7.09
C LEU B 78 6.20 -43.55 -7.69
N LEU B 79 7.19 -43.34 -6.83
CA LEU B 79 8.57 -43.19 -7.28
C LEU B 79 9.09 -44.47 -7.94
N ARG B 80 8.72 -45.62 -7.39
CA ARG B 80 9.17 -46.90 -7.94
C ARG B 80 8.56 -47.17 -9.31
N HIS B 81 7.40 -46.58 -9.55
CA HIS B 81 6.73 -46.73 -10.84
C HIS B 81 7.21 -45.68 -11.85
N GLY B 82 8.16 -44.84 -11.44
CA GLY B 82 8.80 -43.90 -12.34
C GLY B 82 8.35 -42.47 -12.22
N ALA B 83 7.76 -42.11 -11.08
CA ALA B 83 7.34 -40.73 -10.85
C ALA B 83 8.53 -39.79 -10.83
N ASP B 84 8.44 -38.72 -11.61
CA ASP B 84 9.50 -37.72 -11.64
C ASP B 84 9.58 -37.01 -10.29
N PRO B 85 10.71 -37.17 -9.59
CA PRO B 85 10.91 -36.66 -8.22
C PRO B 85 10.94 -35.14 -8.15
N VAL B 86 11.14 -34.47 -9.28
CA VAL B 86 11.30 -33.01 -9.27
C VAL B 86 10.31 -32.30 -10.19
N LEU B 87 9.32 -33.04 -10.68
CA LEU B 87 8.30 -32.47 -11.55
C LEU B 87 7.47 -31.41 -10.83
N ARG B 88 7.45 -30.20 -11.38
CA ARG B 88 6.75 -29.08 -10.77
C ARG B 88 5.29 -28.97 -11.20
N LYS B 89 4.45 -28.46 -10.32
CA LYS B 89 3.08 -28.13 -10.69
C LYS B 89 2.99 -26.68 -11.18
N LYS B 90 1.76 -26.19 -11.39
CA LYS B 90 1.57 -24.91 -12.07
C LYS B 90 2.28 -23.73 -11.40
N ASN B 91 2.15 -23.60 -10.09
CA ASN B 91 2.78 -22.49 -9.38
C ASN B 91 4.30 -22.63 -9.27
N GLY B 92 4.82 -23.75 -9.72
CA GLY B 92 6.26 -24.00 -9.73
C GLY B 92 6.77 -24.83 -8.56
N ALA B 93 5.87 -25.21 -7.66
CA ALA B 93 6.26 -25.97 -6.48
C ALA B 93 6.70 -27.39 -6.81
N THR B 94 7.81 -27.80 -6.21
CA THR B 94 8.30 -29.17 -6.33
C THR B 94 7.73 -30.02 -5.20
N PRO B 95 7.82 -31.35 -5.33
CA PRO B 95 7.39 -32.23 -4.23
C PRO B 95 8.17 -31.91 -2.96
N PHE B 96 9.45 -31.58 -3.11
CA PHE B 96 10.29 -31.20 -1.99
C PHE B 96 9.69 -30.01 -1.25
N ILE B 97 9.33 -28.97 -1.98
CA ILE B 97 8.74 -27.77 -1.38
C ILE B 97 7.42 -28.09 -0.70
N LEU B 98 6.61 -28.96 -1.32
CA LEU B 98 5.35 -29.37 -0.73
C LEU B 98 5.58 -30.16 0.57
N ALA B 99 6.70 -30.87 0.63
CA ALA B 99 7.04 -31.66 1.81
C ALA B 99 7.25 -30.74 3.01
N ALA B 100 7.79 -29.55 2.75
CA ALA B 100 7.99 -28.56 3.79
C ALA B 100 6.65 -28.09 4.36
N ILE B 101 5.66 -27.94 3.47
CA ILE B 101 4.33 -27.54 3.89
C ILE B 101 3.69 -28.62 4.75
N ALA B 102 3.89 -29.88 4.36
CA ALA B 102 3.40 -31.01 5.12
C ALA B 102 4.20 -31.17 6.41
N GLY B 103 5.36 -30.54 6.48
CA GLY B 103 6.20 -30.60 7.65
C GLY B 103 6.90 -31.94 7.82
N SER B 104 7.00 -32.69 6.73
CA SER B 104 7.60 -34.02 6.76
C SER B 104 9.12 -33.97 6.60
N VAL B 105 9.85 -34.26 7.66
CA VAL B 105 11.31 -34.30 7.61
C VAL B 105 11.79 -35.45 6.72
N LYS B 106 11.11 -36.58 6.83
CA LYS B 106 11.50 -37.76 6.05
C LYS B 106 11.35 -37.52 4.54
N LEU B 107 10.27 -36.86 4.15
CA LEU B 107 10.04 -36.55 2.74
C LEU B 107 11.01 -35.50 2.20
N LEU B 108 11.32 -34.51 3.02
CA LEU B 108 12.33 -33.51 2.63
C LEU B 108 13.66 -34.20 2.42
N LYS B 109 13.98 -35.13 3.32
CA LYS B 109 15.18 -35.93 3.22
C LYS B 109 15.18 -36.70 1.90
N LEU B 110 14.05 -37.32 1.60
CA LEU B 110 13.91 -38.15 0.41
C LEU B 110 14.19 -37.37 -0.87
N PHE B 111 13.51 -36.25 -1.04
CA PHE B 111 13.63 -35.47 -2.27
C PHE B 111 14.97 -34.77 -2.42
N LEU B 112 15.62 -34.48 -1.30
CA LEU B 112 16.97 -33.91 -1.35
C LEU B 112 17.94 -34.91 -1.97
N SER B 113 17.75 -36.19 -1.67
CA SER B 113 18.57 -37.24 -2.25
C SER B 113 18.13 -37.56 -3.67
N LYS B 114 17.00 -36.99 -4.09
CA LYS B 114 16.44 -37.25 -5.40
C LYS B 114 16.75 -36.17 -6.43
N GLY B 115 17.41 -35.10 -6.00
CA GLY B 115 17.82 -34.05 -6.92
C GLY B 115 17.36 -32.65 -6.54
N ALA B 116 16.62 -32.55 -5.45
CA ALA B 116 16.13 -31.25 -5.00
C ALA B 116 17.24 -30.41 -4.37
N ASP B 117 17.28 -29.13 -4.73
CA ASP B 117 18.18 -28.19 -4.09
C ASP B 117 17.50 -27.58 -2.87
N VAL B 118 18.21 -27.47 -1.76
CA VAL B 118 17.63 -27.00 -0.51
C VAL B 118 17.06 -25.58 -0.64
N ASN B 119 17.55 -24.82 -1.61
CA ASN B 119 17.12 -23.43 -1.77
C ASN B 119 16.31 -23.15 -3.03
N GLU B 120 15.80 -24.20 -3.67
CA GLU B 120 14.95 -24.03 -4.83
C GLU B 120 13.64 -23.37 -4.44
N CYS B 121 12.96 -22.74 -5.41
CA CYS B 121 11.73 -22.01 -5.11
C CYS B 121 10.70 -22.18 -6.22
N ASP B 122 9.43 -22.03 -5.87
CA ASP B 122 8.38 -22.01 -6.87
C ASP B 122 8.44 -20.70 -7.64
N PHE B 123 7.56 -20.55 -8.63
CA PHE B 123 7.61 -19.38 -9.50
C PHE B 123 7.29 -18.08 -8.78
N TYR B 124 6.87 -18.17 -7.52
CA TYR B 124 6.60 -17.00 -6.71
C TYR B 124 7.73 -16.74 -5.72
N GLY B 125 8.79 -17.53 -5.82
CA GLY B 125 9.97 -17.34 -5.00
C GLY B 125 9.96 -18.06 -3.66
N PHE B 126 8.90 -18.82 -3.42
CA PHE B 126 8.78 -19.55 -2.15
C PHE B 126 9.71 -20.76 -2.07
N THR B 127 10.53 -20.79 -1.03
CA THR B 127 11.41 -21.93 -0.78
C THR B 127 10.79 -22.86 0.26
N ALA B 128 11.40 -24.02 0.47
CA ALA B 128 10.93 -24.96 1.47
C ALA B 128 11.04 -24.35 2.87
N PHE B 129 12.12 -23.62 3.10
CA PHE B 129 12.33 -22.96 4.38
C PHE B 129 11.25 -21.91 4.65
N MET B 130 10.90 -21.15 3.63
CA MET B 130 9.86 -20.15 3.74
C MET B 130 8.50 -20.79 4.03
N GLU B 131 8.24 -21.90 3.35
CA GLU B 131 6.98 -22.61 3.54
C GLU B 131 6.87 -23.23 4.93
N ALA B 132 8.00 -23.71 5.45
CA ALA B 132 8.04 -24.25 6.79
C ALA B 132 7.74 -23.14 7.79
N ALA B 133 8.22 -21.94 7.48
CA ALA B 133 7.94 -20.78 8.32
C ALA B 133 6.48 -20.36 8.20
N VAL B 134 5.99 -20.28 6.96
CA VAL B 134 4.60 -19.91 6.70
C VAL B 134 3.62 -20.81 7.45
N TYR B 135 3.88 -22.11 7.42
CA TYR B 135 2.98 -23.08 8.03
C TYR B 135 3.41 -23.48 9.45
N GLY B 136 4.47 -22.84 9.95
CA GLY B 136 4.91 -23.06 11.31
C GLY B 136 5.38 -24.48 11.61
N LYS B 137 5.90 -25.16 10.58
CA LYS B 137 6.45 -26.50 10.76
C LYS B 137 7.83 -26.42 11.39
N VAL B 138 7.89 -26.52 12.71
CA VAL B 138 9.13 -26.33 13.46
C VAL B 138 10.20 -27.40 13.15
N LYS B 139 9.77 -28.65 13.06
CA LYS B 139 10.70 -29.74 12.85
C LYS B 139 11.32 -29.69 11.45
N ALA B 140 10.52 -29.29 10.47
CA ALA B 140 11.01 -29.15 9.10
C ALA B 140 11.93 -27.95 8.97
N LEU B 141 11.62 -26.89 9.71
CA LEU B 141 12.43 -25.68 9.70
C LEU B 141 13.84 -25.96 10.19
N LYS B 142 13.94 -26.68 11.29
CA LYS B 142 15.23 -27.01 11.88
C LYS B 142 16.04 -27.93 10.97
N PHE B 143 15.36 -28.87 10.33
CA PHE B 143 16.03 -29.78 9.40
C PHE B 143 16.57 -29.02 8.19
N LEU B 144 15.74 -28.16 7.62
CA LEU B 144 16.13 -27.38 6.45
C LEU B 144 17.27 -26.42 6.79
N TYR B 145 17.24 -25.88 8.01
CA TYR B 145 18.32 -25.01 8.47
C TYR B 145 19.63 -25.78 8.52
N LYS B 146 19.60 -26.95 9.13
CA LYS B 146 20.79 -27.78 9.24
C LYS B 146 21.24 -28.34 7.89
N ARG B 147 20.34 -28.35 6.91
CA ARG B 147 20.67 -28.75 5.55
C ARG B 147 21.20 -27.58 4.73
N GLY B 148 21.36 -26.43 5.38
CA GLY B 148 21.95 -25.26 4.74
C GLY B 148 21.00 -24.37 3.97
N ALA B 149 19.76 -24.26 4.46
CA ALA B 149 18.79 -23.35 3.85
C ALA B 149 19.20 -21.91 4.08
N ASN B 150 19.13 -21.09 3.03
CA ASN B 150 19.42 -19.66 3.15
C ASN B 150 18.29 -18.96 3.89
N VAL B 151 18.50 -18.72 5.19
CA VAL B 151 17.47 -18.16 6.06
C VAL B 151 16.98 -16.79 5.59
N ASN B 152 17.88 -16.01 4.99
CA ASN B 152 17.57 -14.62 4.66
C ASN B 152 17.27 -14.35 3.20
N LEU B 153 16.97 -15.41 2.44
CA LEU B 153 16.59 -15.25 1.05
C LEU B 153 15.39 -14.33 0.91
N ARG B 154 15.50 -13.32 0.04
CA ARG B 154 14.36 -12.47 -0.30
C ARG B 154 13.70 -13.00 -1.56
N ARG B 155 12.39 -13.22 -1.49
CA ARG B 155 11.66 -13.87 -2.59
C ARG B 155 11.81 -13.13 -3.91
N LYS B 156 11.81 -13.89 -5.00
CA LYS B 156 11.89 -13.33 -6.34
C LYS B 156 10.81 -13.94 -7.23
N THR B 157 9.97 -13.09 -7.79
CA THR B 157 8.91 -13.53 -8.70
C THR B 157 9.34 -13.40 -10.16
N ARG B 165 7.39 -5.39 -7.64
CA ARG B 165 7.32 -4.60 -6.41
C ARG B 165 6.52 -5.32 -5.33
N LYS B 166 6.06 -6.53 -5.64
CA LYS B 166 5.23 -7.30 -4.72
C LYS B 166 5.94 -8.52 -4.15
N GLY B 167 7.27 -8.55 -4.28
CA GLY B 167 8.06 -9.67 -3.77
C GLY B 167 9.11 -9.26 -2.78
N GLY B 168 10.15 -10.07 -2.65
CA GLY B 168 11.27 -9.76 -1.77
C GLY B 168 11.03 -10.06 -0.30
N ALA B 169 9.94 -10.77 -0.01
CA ALA B 169 9.62 -11.15 1.36
C ALA B 169 10.54 -12.26 1.87
N THR B 170 10.59 -12.43 3.19
CA THR B 170 11.46 -13.44 3.80
C THR B 170 10.68 -14.35 4.75
N ALA B 171 11.36 -15.39 5.24
CA ALA B 171 10.73 -16.35 6.15
C ALA B 171 10.34 -15.71 7.48
N LEU B 172 11.14 -14.74 7.94
CA LEU B 172 10.85 -14.04 9.17
C LEU B 172 9.55 -13.26 9.05
N MET B 173 9.36 -12.58 7.91
CA MET B 173 8.15 -11.82 7.67
C MET B 173 6.94 -12.75 7.63
N ASP B 174 7.10 -13.90 7.01
CA ASP B 174 6.04 -14.89 6.92
C ASP B 174 5.58 -15.30 8.31
N ALA B 175 6.54 -15.56 9.19
CA ALA B 175 6.25 -15.98 10.55
C ALA B 175 5.58 -14.86 11.36
N ALA B 176 6.02 -13.63 11.11
CA ALA B 176 5.44 -12.47 11.79
C ALA B 176 4.02 -12.22 11.32
N GLU B 177 3.80 -12.38 10.01
CA GLU B 177 2.49 -12.21 9.42
C GLU B 177 1.51 -13.27 9.91
N LYS B 178 1.93 -14.53 9.83
CA LYS B 178 1.10 -15.64 10.29
C LYS B 178 1.08 -15.72 11.81
N GLY B 179 1.91 -14.91 12.46
CA GLY B 179 1.91 -14.81 13.91
C GLY B 179 2.43 -16.02 14.66
N HIS B 180 3.29 -16.80 14.01
CA HIS B 180 3.89 -17.96 14.67
C HIS B 180 4.99 -17.54 15.65
N VAL B 181 4.64 -17.50 16.92
CA VAL B 181 5.53 -16.98 17.96
C VAL B 181 6.77 -17.85 18.19
N GLU B 182 6.59 -19.16 18.26
CA GLU B 182 7.71 -20.07 18.48
C GLU B 182 8.69 -20.03 17.31
N VAL B 183 8.17 -19.99 16.10
CA VAL B 183 9.01 -19.94 14.91
C VAL B 183 9.82 -18.65 14.88
N LEU B 184 9.18 -17.54 15.27
CA LEU B 184 9.85 -16.25 15.33
C LEU B 184 11.12 -16.33 16.17
N LYS B 185 10.98 -16.85 17.38
CA LYS B 185 12.10 -16.96 18.31
C LYS B 185 13.22 -17.83 17.74
N ILE B 186 12.83 -18.90 17.05
CA ILE B 186 13.80 -19.82 16.47
C ILE B 186 14.62 -19.15 15.37
N LEU B 187 13.94 -18.40 14.51
CA LEU B 187 14.62 -17.68 13.43
C LEU B 187 15.54 -16.61 13.99
N LEU B 188 15.07 -15.92 15.04
CA LEU B 188 15.81 -14.82 15.64
C LEU B 188 16.96 -15.27 16.54
N ASP B 189 16.68 -16.23 17.41
CA ASP B 189 17.67 -16.71 18.38
C ASP B 189 18.59 -17.79 17.80
N GLU B 190 18.01 -18.75 17.11
CA GLU B 190 18.75 -19.94 16.68
C GLU B 190 19.29 -19.91 15.25
N MET B 191 18.72 -19.05 14.40
CA MET B 191 18.98 -19.16 12.96
C MET B 191 19.52 -17.90 12.29
N GLY B 192 19.75 -16.86 13.07
CA GLY B 192 20.36 -15.65 12.56
C GLY B 192 19.54 -14.93 11.49
N ALA B 193 18.23 -14.91 11.67
CA ALA B 193 17.34 -14.19 10.76
C ALA B 193 17.59 -12.68 10.84
N ASP B 194 17.76 -12.05 9.69
CA ASP B 194 17.92 -10.60 9.64
C ASP B 194 16.61 -9.93 10.03
N VAL B 195 16.56 -9.36 11.22
CA VAL B 195 15.34 -8.78 11.76
C VAL B 195 14.85 -7.58 10.95
N ASN B 196 15.76 -6.89 10.28
CA ASN B 196 15.43 -5.66 9.58
C ASN B 196 15.43 -5.74 8.06
N ALA B 197 15.37 -6.95 7.52
CA ALA B 197 15.21 -7.12 6.09
C ALA B 197 13.88 -6.51 5.65
N CYS B 198 13.81 -6.05 4.41
CA CYS B 198 12.60 -5.44 3.90
C CYS B 198 12.24 -6.00 2.52
N ASP B 199 10.95 -6.20 2.27
CA ASP B 199 10.48 -6.65 0.97
C ASP B 199 10.56 -5.53 -0.06
N ASN B 200 9.95 -5.74 -1.22
CA ASN B 200 10.02 -4.77 -2.31
C ASN B 200 9.28 -3.46 -2.04
N MET B 201 8.33 -3.48 -1.11
CA MET B 201 7.61 -2.27 -0.72
C MET B 201 8.16 -1.64 0.56
N GLY B 202 9.32 -2.12 1.00
CA GLY B 202 9.99 -1.57 2.17
C GLY B 202 9.51 -2.13 3.49
N ARG B 203 8.50 -3.00 3.45
CA ARG B 203 7.97 -3.60 4.67
C ARG B 203 8.94 -4.58 5.32
N ASN B 204 9.22 -4.37 6.61
CA ASN B 204 10.01 -5.32 7.38
C ASN B 204 9.10 -6.20 8.22
N ALA B 205 9.69 -7.15 8.94
CA ALA B 205 8.92 -8.10 9.74
C ALA B 205 8.00 -7.40 10.74
N LEU B 206 8.46 -6.27 11.26
CA LEU B 206 7.66 -5.51 12.23
C LEU B 206 6.34 -5.05 11.61
N ILE B 207 6.40 -4.59 10.37
CA ILE B 207 5.21 -4.11 9.67
C ILE B 207 4.25 -5.24 9.32
N HIS B 208 4.77 -6.37 8.89
CA HIS B 208 3.94 -7.52 8.54
C HIS B 208 3.19 -8.04 9.75
N ALA B 209 3.82 -7.96 10.92
CA ALA B 209 3.19 -8.36 12.16
C ALA B 209 2.00 -7.46 12.48
N LEU B 210 2.16 -6.17 12.19
CA LEU B 210 1.12 -5.19 12.43
C LEU B 210 0.03 -5.27 11.37
N LEU B 211 0.39 -5.70 10.16
CA LEU B 211 -0.56 -5.80 9.05
C LEU B 211 -1.42 -7.05 9.13
N SER B 212 -0.93 -8.07 9.84
CA SER B 212 -1.62 -9.35 9.94
C SER B 212 -3.05 -9.17 10.45
N SER B 213 -3.92 -10.11 10.10
CA SER B 213 -5.31 -10.07 10.51
C SER B 213 -5.49 -10.52 11.96
N ASP B 214 -4.50 -11.24 12.48
CA ASP B 214 -4.57 -11.79 13.83
C ASP B 214 -4.06 -10.84 14.91
N ASP B 215 -4.98 -10.14 15.56
CA ASP B 215 -4.64 -9.27 16.68
C ASP B 215 -4.42 -10.09 17.95
N SER B 216 -4.27 -11.40 17.77
CA SER B 216 -4.19 -12.34 18.89
C SER B 216 -2.93 -12.14 19.72
N ASP B 217 -1.78 -12.19 19.07
CA ASP B 217 -0.52 -12.07 19.78
C ASP B 217 0.28 -10.90 19.24
N VAL B 218 -0.39 -9.98 18.56
CA VAL B 218 0.31 -8.90 17.88
C VAL B 218 1.23 -8.13 18.82
N GLU B 219 0.83 -8.03 20.08
CA GLU B 219 1.64 -7.35 21.09
C GLU B 219 2.89 -8.15 21.42
N ALA B 220 2.71 -9.45 21.64
CA ALA B 220 3.82 -10.34 21.97
C ALA B 220 4.86 -10.35 20.85
N ILE B 221 4.39 -10.35 19.61
CA ILE B 221 5.26 -10.36 18.45
C ILE B 221 5.99 -9.03 18.28
N THR B 222 5.25 -7.94 18.44
CA THR B 222 5.83 -6.61 18.34
C THR B 222 6.90 -6.42 19.41
N HIS B 223 6.55 -6.77 20.65
CA HIS B 223 7.49 -6.70 21.76
C HIS B 223 8.70 -7.60 21.51
N LEU B 224 8.46 -8.72 20.86
CA LEU B 224 9.52 -9.68 20.54
C LEU B 224 10.46 -9.12 19.49
N LEU B 225 9.90 -8.59 18.40
CA LEU B 225 10.70 -8.04 17.32
C LEU B 225 11.51 -6.82 17.76
N LEU B 226 10.88 -5.95 18.53
CA LEU B 226 11.55 -4.74 19.01
C LEU B 226 12.75 -5.08 19.90
N ASP B 227 12.59 -6.08 20.76
CA ASP B 227 13.66 -6.49 21.65
C ASP B 227 14.86 -7.01 20.86
N HIS B 228 14.61 -7.48 19.63
CA HIS B 228 15.68 -7.99 18.78
C HIS B 228 16.22 -6.94 17.81
N GLY B 229 15.85 -5.68 18.05
CA GLY B 229 16.39 -4.57 17.28
C GLY B 229 15.62 -4.19 16.05
N ALA B 230 14.33 -4.53 16.00
CA ALA B 230 13.49 -4.16 14.86
C ALA B 230 13.42 -2.64 14.72
N ASP B 231 13.54 -2.17 13.48
CA ASP B 231 13.52 -0.73 13.21
C ASP B 231 12.09 -0.20 13.11
N VAL B 232 11.73 0.67 14.07
CA VAL B 232 10.39 1.24 14.11
C VAL B 232 10.15 2.33 13.05
N ASN B 233 11.24 2.85 12.49
CA ASN B 233 11.13 3.97 11.55
C ASN B 233 11.06 3.56 10.08
N VAL B 234 10.52 2.37 9.83
CA VAL B 234 10.32 1.90 8.47
C VAL B 234 9.01 2.44 7.87
N ARG B 235 9.01 2.68 6.57
CA ARG B 235 7.83 3.16 5.86
C ARG B 235 7.21 2.03 5.02
N GLY B 236 5.89 1.89 5.10
CA GLY B 236 5.20 0.81 4.42
C GLY B 236 4.69 1.13 3.02
N GLU B 237 3.57 0.51 2.67
CA GLU B 237 2.99 0.61 1.34
C GLU B 237 2.59 2.03 0.92
N ARG B 238 2.27 2.87 1.90
CA ARG B 238 1.90 4.26 1.65
C ARG B 238 2.49 5.17 2.73
N GLY B 239 3.78 5.02 3.01
CA GLY B 239 4.39 5.81 4.07
C GLY B 239 3.88 5.43 5.44
N LYS B 240 3.10 4.35 5.52
CA LYS B 240 2.59 3.88 6.80
C LYS B 240 3.71 3.34 7.69
N THR B 241 3.99 4.05 8.78
CA THR B 241 4.96 3.61 9.75
C THR B 241 4.30 2.65 10.75
N PRO B 242 5.13 1.89 11.50
CA PRO B 242 4.57 1.02 12.54
C PRO B 242 3.69 1.79 13.53
N LEU B 243 4.13 2.98 13.92
CA LEU B 243 3.35 3.81 14.84
C LEU B 243 1.99 4.18 14.25
N ILE B 244 2.01 4.60 12.99
CA ILE B 244 0.79 4.98 12.28
C ILE B 244 -0.15 3.80 12.09
N LEU B 245 0.43 2.62 11.85
CA LEU B 245 -0.36 1.41 11.73
C LEU B 245 -1.00 1.03 13.06
N ALA B 246 -0.25 1.17 14.14
CA ALA B 246 -0.77 0.88 15.47
C ALA B 246 -1.91 1.82 15.80
N VAL B 247 -1.76 3.08 15.41
CA VAL B 247 -2.81 4.07 15.61
C VAL B 247 -4.07 3.69 14.82
N GLU B 248 -3.89 3.31 13.57
CA GLU B 248 -5.00 2.91 12.73
C GLU B 248 -5.64 1.63 13.23
N LYS B 249 -4.87 0.82 13.95
CA LYS B 249 -5.41 -0.37 14.61
C LYS B 249 -6.25 0.02 15.82
N LYS B 250 -6.19 1.30 16.19
CA LYS B 250 -6.89 1.80 17.36
C LYS B 250 -6.41 1.05 18.60
N HIS B 251 -5.20 0.50 18.52
CA HIS B 251 -4.64 -0.31 19.60
C HIS B 251 -3.76 0.52 20.52
N LEU B 252 -4.26 0.79 21.72
CA LEU B 252 -3.53 1.62 22.69
C LEU B 252 -2.24 0.94 23.14
N GLY B 253 -2.31 -0.36 23.43
CA GLY B 253 -1.16 -1.09 23.91
C GLY B 253 0.02 -1.07 22.96
N LEU B 254 -0.25 -1.26 21.68
CA LEU B 254 0.80 -1.23 20.66
C LEU B 254 1.44 0.14 20.57
N VAL B 255 0.61 1.18 20.53
CA VAL B 255 1.09 2.55 20.47
C VAL B 255 1.99 2.84 21.66
N GLN B 256 1.61 2.31 22.82
CA GLN B 256 2.37 2.49 24.05
C GLN B 256 3.75 1.85 23.94
N ARG B 257 3.79 0.62 23.43
CA ARG B 257 5.05 -0.09 23.29
C ARG B 257 5.96 0.58 22.26
N LEU B 258 5.39 1.00 21.15
CA LEU B 258 6.16 1.64 20.09
C LEU B 258 6.75 2.98 20.53
N LEU B 259 6.02 3.70 21.37
CA LEU B 259 6.47 4.99 21.88
C LEU B 259 7.58 4.83 22.92
N GLU B 260 7.73 3.61 23.42
CA GLU B 260 8.79 3.31 24.39
C GLU B 260 10.13 3.13 23.70
N GLN B 261 10.12 3.12 22.36
CA GLN B 261 11.34 3.09 21.58
C GLN B 261 11.98 4.47 21.59
N GLU B 262 13.22 4.53 22.07
CA GLU B 262 13.90 5.81 22.27
C GLU B 262 14.02 6.65 21.00
N HIS B 263 14.35 6.01 19.88
CA HIS B 263 14.65 6.75 18.66
C HIS B 263 13.48 6.94 17.71
N ILE B 264 12.27 6.58 18.14
CA ILE B 264 11.11 6.66 17.25
C ILE B 264 10.80 8.10 16.81
N GLU B 265 10.53 8.27 15.53
CA GLU B 265 10.15 9.56 14.98
C GLU B 265 8.64 9.78 15.10
N ILE B 266 8.21 10.35 16.21
CA ILE B 266 6.80 10.58 16.48
C ILE B 266 6.12 11.41 15.40
N ASN B 267 6.89 12.26 14.74
CA ASN B 267 6.34 13.24 13.82
C ASN B 267 6.27 12.80 12.35
N ASP B 268 6.69 11.57 12.07
CA ASP B 268 6.67 11.07 10.70
C ASP B 268 5.27 11.13 10.09
N THR B 269 5.21 11.36 8.78
CA THR B 269 3.93 11.43 8.08
C THR B 269 3.83 10.35 7.02
N ASP B 270 2.62 9.88 6.77
CA ASP B 270 2.39 8.88 5.74
C ASP B 270 2.30 9.53 4.36
N SER B 271 1.82 8.77 3.37
CA SER B 271 1.66 9.27 2.02
C SER B 271 0.82 10.54 2.00
N ASP B 272 -0.33 10.50 2.67
CA ASP B 272 -1.26 11.62 2.69
C ASP B 272 -0.78 12.77 3.58
N GLY B 273 0.46 12.66 4.05
CA GLY B 273 1.06 13.72 4.85
C GLY B 273 0.55 13.81 6.28
N LYS B 274 -0.17 12.77 6.71
CA LYS B 274 -0.73 12.73 8.06
C LYS B 274 0.20 12.06 9.06
N THR B 275 0.43 12.73 10.19
CA THR B 275 1.19 12.14 11.28
C THR B 275 0.30 11.18 12.06
N ALA B 276 0.89 10.48 13.03
CA ALA B 276 0.14 9.55 13.86
C ALA B 276 -0.89 10.29 14.71
N LEU B 277 -0.50 11.44 15.25
CA LEU B 277 -1.37 12.24 16.08
C LEU B 277 -2.59 12.75 15.31
N LEU B 278 -2.38 13.17 14.08
CA LEU B 278 -3.46 13.67 13.24
C LEU B 278 -4.48 12.56 13.00
N LEU B 279 -3.97 11.36 12.71
CA LEU B 279 -4.85 10.21 12.48
C LEU B 279 -5.58 9.81 13.75
N ALA B 280 -4.90 9.90 14.89
CA ALA B 280 -5.53 9.58 16.16
C ALA B 280 -6.74 10.47 16.40
N VAL B 281 -6.56 11.77 16.14
CA VAL B 281 -7.63 12.74 16.30
C VAL B 281 -8.74 12.51 15.30
N GLU B 282 -8.39 12.33 14.04
CA GLU B 282 -9.36 12.08 12.99
C GLU B 282 -10.16 10.81 13.25
N LEU B 283 -9.51 9.83 13.89
CA LEU B 283 -10.15 8.56 14.20
C LEU B 283 -10.82 8.59 15.58
N LYS B 284 -10.80 9.74 16.23
CA LYS B 284 -11.45 9.94 17.52
C LYS B 284 -10.81 9.14 18.66
N LEU B 285 -9.55 8.77 18.49
CA LEU B 285 -8.82 8.04 19.52
C LEU B 285 -8.24 8.99 20.56
N LYS B 286 -9.07 9.42 21.51
CA LYS B 286 -8.67 10.40 22.51
C LYS B 286 -7.44 9.96 23.31
N LYS B 287 -7.53 8.78 23.92
CA LYS B 287 -6.45 8.30 24.78
C LYS B 287 -5.14 8.12 24.04
N ILE B 288 -5.22 7.64 22.79
CA ILE B 288 -4.02 7.47 21.97
C ILE B 288 -3.44 8.82 21.56
N ALA B 289 -4.32 9.75 21.19
CA ALA B 289 -3.91 11.10 20.83
C ALA B 289 -3.23 11.77 22.02
N GLU B 290 -3.79 11.57 23.20
CA GLU B 290 -3.23 12.13 24.42
C GLU B 290 -1.88 11.49 24.74
N LEU B 291 -1.80 10.17 24.55
CA LEU B 291 -0.56 9.45 24.77
C LEU B 291 0.53 10.03 23.88
N LEU B 292 0.18 10.26 22.61
CA LEU B 292 1.11 10.84 21.66
C LEU B 292 1.53 12.24 22.09
N CYS B 293 0.54 13.06 22.42
CA CYS B 293 0.80 14.44 22.82
C CYS B 293 1.82 14.54 23.95
N LYS B 294 1.86 13.53 24.81
CA LYS B 294 2.82 13.51 25.90
C LYS B 294 4.25 13.33 25.40
N ARG B 295 4.43 13.49 24.08
CA ARG B 295 5.76 13.60 23.47
C ARG B 295 5.75 14.07 22.02
N GLY B 296 4.59 14.03 21.37
CA GLY B 296 4.47 14.36 19.95
C GLY B 296 4.57 15.83 19.62
N ALA B 297 4.14 16.19 18.41
CA ALA B 297 4.15 17.58 17.96
C ALA B 297 2.78 17.97 17.39
N SER B 298 2.19 19.02 17.95
CA SER B 298 0.84 19.43 17.60
C SER B 298 0.77 20.47 16.48
N THR B 299 1.83 21.27 16.34
CA THR B 299 1.84 22.35 15.36
C THR B 299 1.95 21.84 13.92
N ASP B 300 2.66 20.73 13.74
CA ASP B 300 2.93 20.20 12.41
C ASP B 300 1.65 19.80 11.68
N CYS B 301 0.89 18.89 12.28
CA CYS B 301 -0.33 18.38 11.67
C CYS B 301 -1.38 19.47 11.50
N GLY B 302 -1.28 20.50 12.33
CA GLY B 302 -2.14 21.68 12.22
C GLY B 302 -3.58 21.51 12.65
N ASP B 303 -4.42 21.04 11.75
CA ASP B 303 -5.88 21.02 11.96
C ASP B 303 -6.37 20.02 13.01
N LEU B 304 -5.62 19.89 14.10
CA LEU B 304 -5.96 18.97 15.17
C LEU B 304 -7.18 19.44 15.97
N VAL B 305 -7.10 20.65 16.51
CA VAL B 305 -8.18 21.21 17.33
C VAL B 305 -9.49 21.34 16.56
N MET B 306 -9.38 21.68 15.27
CA MET B 306 -10.56 21.84 14.44
C MET B 306 -11.33 20.53 14.29
N THR B 307 -10.59 19.45 14.06
CA THR B 307 -11.20 18.13 13.88
C THR B 307 -11.87 17.65 15.16
N ALA B 308 -11.18 17.83 16.29
CA ALA B 308 -11.71 17.44 17.59
C ALA B 308 -12.98 18.22 17.92
N ARG B 309 -12.96 19.52 17.64
CA ARG B 309 -14.12 20.37 17.93
C ARG B 309 -15.32 19.99 17.08
N ARG B 310 -15.08 19.69 15.82
CA ARG B 310 -16.16 19.32 14.90
C ARG B 310 -16.75 17.95 15.24
N ASN B 311 -15.98 17.14 15.96
CA ASN B 311 -16.48 15.88 16.51
C ASN B 311 -17.01 16.07 17.92
N TYR B 312 -17.11 17.33 18.35
CA TYR B 312 -17.65 17.66 19.67
C TYR B 312 -16.88 17.02 20.82
N ASP B 313 -15.64 16.61 20.56
CA ASP B 313 -14.81 16.02 21.60
C ASP B 313 -14.09 17.11 22.39
N HIS B 314 -14.81 17.74 23.30
CA HIS B 314 -14.28 18.87 24.07
C HIS B 314 -13.12 18.47 24.98
N SER B 315 -13.13 17.21 25.42
CA SER B 315 -12.05 16.68 26.23
C SER B 315 -10.75 16.60 25.41
N LEU B 316 -10.87 16.13 24.18
CA LEU B 316 -9.72 16.03 23.28
C LEU B 316 -9.21 17.41 22.89
N VAL B 317 -10.12 18.36 22.75
CA VAL B 317 -9.75 19.73 22.40
C VAL B 317 -8.85 20.32 23.49
N LYS B 318 -9.20 20.07 24.75
CA LYS B 318 -8.41 20.54 25.87
C LYS B 318 -7.04 19.86 25.87
N VAL B 319 -7.05 18.54 25.69
CA VAL B 319 -5.81 17.77 25.62
C VAL B 319 -4.85 18.40 24.62
N LEU B 320 -5.36 18.67 23.42
CA LEU B 320 -4.54 19.27 22.36
C LEU B 320 -4.06 20.67 22.74
N LEU B 321 -4.96 21.46 23.32
CA LEU B 321 -4.61 22.83 23.74
C LEU B 321 -3.59 22.83 24.88
N SER B 322 -3.70 21.85 25.76
CA SER B 322 -2.76 21.70 26.87
C SER B 322 -1.36 21.39 26.38
N HIS B 323 -1.26 21.04 25.10
CA HIS B 323 0.03 20.74 24.48
C HIS B 323 0.35 21.74 23.37
N GLY B 324 -0.31 22.89 23.41
CA GLY B 324 0.01 23.99 22.51
C GLY B 324 -0.54 23.88 21.11
N ALA B 325 -1.55 23.03 20.92
CA ALA B 325 -2.19 22.92 19.61
C ALA B 325 -2.71 24.26 19.13
N LYS B 326 -2.41 24.60 17.88
CA LYS B 326 -2.78 25.88 17.32
C LYS B 326 -4.27 25.96 17.00
N GLU B 327 -4.95 26.97 17.56
CA GLU B 327 -6.36 27.20 17.28
C GLU B 327 -6.53 28.16 16.10
N ASP B 328 -5.41 28.55 15.51
CA ASP B 328 -5.42 29.49 14.39
C ASP B 328 -6.31 28.99 13.25
#